data_1MNN
#
_entry.id   1MNN
#
_cell.length_a   70.143
_cell.length_b   78.887
_cell.length_c   161.522
_cell.angle_alpha   90.00
_cell.angle_beta   90.00
_cell.angle_gamma   90.00
#
_symmetry.space_group_name_H-M   'C 2 2 21'
#
loop_
_entity.id
_entity.type
_entity.pdbx_description
1 polymer "5'-D(*TP*GP*CP*GP*AP*CP*AP*CP*AP*AP*AP*AP*AP*C)-3'"
2 polymer "5'-D(*AP*GP*TP*TP*TP*TP*TP*GP*TP*GP*TP*CP*GP*C)-3'"
3 polymer 'NDT80 protein'
4 water water
#
loop_
_entity_poly.entity_id
_entity_poly.type
_entity_poly.pdbx_seq_one_letter_code
_entity_poly.pdbx_strand_id
1 'polydeoxyribonucleotide' (DT)(DG)(DC)(DG)(DA)(DC)(DA)(DC)(DA)(DA)(DA)(DA)(DA)(DC) B
2 'polydeoxyribonucleotide' (DA)(DG)(DT)(DT)(DT)(DT)(DT)(DG)(DT)(DG)(DT)(DC)(DG)(DC) C
3 'polypeptide(L)'
;MNEMENTVPVLQDDLVSKYERELSTEQEEDTPVILTQLNEDGTTSNYFDKRKLKIAPRSTLQFKVGPPFELVRDYCPVVE
SHTGRTLDLRIIPRIDRGFDHIDEEWVGYKRNYFTLVSTFETANCDLDTFLKSSFDLLVEDSSVEGRLRVQYFAIKIKAK
NDDDDTEINLVQHTAKRDKGPQFCPSVCPLVPSPLPKHQTIREASNVRNITKMKKYDSTFYLHRDHVNYEEYGVDSLLFS
YPEDSIQKVARYERVQFASSISVKKPSQQNKHFSLHVILGAVVDPDTFHGENPGIPYDELALKNGSKGMFVYLQEMKTPP
LIIRGRSPSNYASSQRITVR
;
A
#
loop_
_chem_comp.id
_chem_comp.type
_chem_comp.name
_chem_comp.formula
DA DNA linking 2'-DEOXYADENOSINE-5'-MONOPHOSPHATE 'C10 H14 N5 O6 P'
DC DNA linking 2'-DEOXYCYTIDINE-5'-MONOPHOSPHATE 'C9 H14 N3 O7 P'
DG DNA linking 2'-DEOXYGUANOSINE-5'-MONOPHOSPHATE 'C10 H14 N5 O7 P'
DT DNA linking THYMIDINE-5'-MONOPHOSPHATE 'C10 H15 N2 O8 P'
#
# COMPACT_ATOMS: atom_id res chain seq x y z
N VAL C 33 -8.09 -29.52 3.77
CA VAL C 33 -9.02 -28.44 3.38
C VAL C 33 -8.50 -27.04 3.79
N ILE C 34 -7.85 -26.94 4.95
CA ILE C 34 -7.20 -25.68 5.35
C ILE C 34 -5.74 -25.93 5.56
N LEU C 35 -4.90 -25.13 4.89
CA LEU C 35 -3.46 -25.23 5.02
C LEU C 35 -3.00 -24.05 5.84
N THR C 36 -2.22 -24.33 6.87
CA THR C 36 -1.82 -23.31 7.81
C THR C 36 -0.32 -23.00 7.77
N GLN C 37 -0.02 -21.69 7.75
CA GLN C 37 1.34 -21.15 7.79
C GLN C 37 1.43 -20.22 9.00
N LEU C 38 2.55 -20.27 9.71
CA LEU C 38 2.78 -19.40 10.85
C LEU C 38 3.32 -18.05 10.34
N ASN C 39 2.72 -16.95 10.78
CA ASN C 39 3.19 -15.62 10.35
C ASN C 39 4.35 -15.18 11.23
N GLU C 40 4.98 -14.08 10.87
CA GLU C 40 6.15 -13.57 11.58
C GLU C 40 5.87 -13.22 13.04
N ASP C 41 4.66 -12.78 13.33
CA ASP C 41 4.26 -12.36 14.67
C ASP C 41 3.57 -13.48 15.49
N GLY C 42 3.50 -14.70 14.94
CA GLY C 42 2.87 -15.80 15.66
C GLY C 42 1.40 -16.03 15.37
N THR C 43 0.83 -15.22 14.51
CA THR C 43 -0.55 -15.46 14.11
C THR C 43 -0.44 -16.46 13.00
N THR C 44 -1.56 -17.00 12.53
CA THR C 44 -1.53 -17.95 11.43
C THR C 44 -2.22 -17.37 10.21
N SER C 45 -1.82 -17.88 9.07
CA SER C 45 -2.49 -17.63 7.81
C SER C 45 -3.06 -19.00 7.47
N ASN C 46 -4.35 -19.07 7.21
CA ASN C 46 -5.08 -20.28 6.92
C ASN C 46 -5.62 -20.19 5.51
N TYR C 47 -5.01 -20.93 4.61
CA TYR C 47 -5.38 -20.87 3.23
C TYR C 47 -6.40 -21.92 2.91
N PHE C 48 -7.50 -21.51 2.28
CA PHE C 48 -8.54 -22.45 1.90
C PHE C 48 -9.12 -22.00 0.57
N ASP C 49 -9.73 -22.94 -0.15
CA ASP C 49 -10.29 -22.72 -1.46
C ASP C 49 -11.77 -22.48 -1.29
N LYS C 50 -12.25 -21.29 -1.61
CA LYS C 50 -13.65 -20.92 -1.46
C LYS C 50 -14.57 -21.71 -2.41
N ARG C 51 -13.98 -22.44 -3.36
CA ARG C 51 -14.77 -23.32 -4.23
C ARG C 51 -15.17 -24.55 -3.43
N LYS C 52 -14.45 -24.81 -2.35
CA LYS C 52 -14.68 -26.02 -1.55
C LYS C 52 -15.14 -25.79 -0.12
N LEU C 53 -14.84 -24.63 0.44
CA LEU C 53 -15.19 -24.36 1.83
C LEU C 53 -15.66 -22.93 1.98
N LYS C 54 -16.82 -22.75 2.58
CA LYS C 54 -17.36 -21.43 2.86
C LYS C 54 -17.19 -21.15 4.35
N ILE C 55 -16.53 -20.03 4.62
CA ILE C 55 -16.23 -19.53 5.95
C ILE C 55 -16.96 -18.20 6.12
N ALA C 56 -17.42 -17.89 7.34
CA ALA C 56 -18.18 -16.67 7.62
C ALA C 56 -17.39 -15.43 7.20
N PRO C 57 -18.10 -14.36 6.83
CA PRO C 57 -17.45 -13.12 6.38
C PRO C 57 -16.48 -12.48 7.38
N ARG C 58 -16.78 -12.57 8.65
CA ARG C 58 -15.99 -11.95 9.68
C ARG C 58 -15.11 -12.93 10.45
N SER C 59 -15.04 -14.17 10.01
CA SER C 59 -14.12 -15.13 10.63
C SER C 59 -12.68 -14.62 10.54
N THR C 60 -11.89 -14.84 11.58
CA THR C 60 -10.49 -14.47 11.53
C THR C 60 -9.76 -15.25 10.45
N LEU C 61 -10.32 -16.36 9.98
CA LEU C 61 -9.73 -17.14 8.90
C LEU C 61 -9.69 -16.35 7.59
N GLN C 62 -10.45 -15.26 7.48
CA GLN C 62 -10.41 -14.40 6.28
C GLN C 62 -9.16 -13.53 6.26
N PHE C 63 -8.54 -13.34 7.40
CA PHE C 63 -7.28 -12.58 7.48
C PHE C 63 -6.10 -13.51 7.28
N LYS C 64 -5.22 -13.16 6.36
CA LYS C 64 -4.08 -13.98 6.09
C LYS C 64 -3.08 -13.20 5.27
N VAL C 65 -1.81 -13.57 5.41
CA VAL C 65 -0.75 -12.88 4.70
C VAL C 65 -0.76 -13.37 3.24
N GLY C 66 -0.70 -12.42 2.31
CA GLY C 66 -0.73 -12.70 0.89
C GLY C 66 0.64 -12.96 0.32
N PRO C 67 0.78 -12.86 -1.01
CA PRO C 67 2.08 -13.16 -1.59
C PRO C 67 3.12 -12.12 -1.23
N PRO C 68 4.36 -12.54 -1.19
CA PRO C 68 5.49 -11.66 -0.88
C PRO C 68 5.80 -10.78 -2.07
N PHE C 69 6.21 -9.57 -1.80
CA PHE C 69 6.59 -8.60 -2.82
C PHE C 69 8.05 -8.73 -3.19
N GLU C 70 8.36 -8.33 -4.41
CA GLU C 70 9.71 -8.32 -4.93
C GLU C 70 10.01 -6.99 -5.60
N LEU C 71 11.28 -6.62 -5.59
CA LEU C 71 11.74 -5.41 -6.20
C LEU C 71 11.56 -5.45 -7.71
N VAL C 72 10.97 -4.41 -8.27
CA VAL C 72 10.88 -4.22 -9.70
C VAL C 72 12.12 -3.41 -10.09
N ARG C 73 12.29 -2.24 -9.49
CA ARG C 73 13.49 -1.46 -9.70
C ARG C 73 13.51 -0.23 -8.85
N ASP C 74 14.70 0.36 -8.80
CA ASP C 74 14.97 1.63 -8.18
C ASP C 74 15.03 2.66 -9.30
N TYR C 75 14.57 3.85 -9.02
CA TYR C 75 14.48 4.91 -9.99
C TYR C 75 15.36 6.09 -9.61
N CYS C 76 14.76 7.22 -9.25
CA CYS C 76 15.56 8.43 -8.99
C CYS C 76 16.28 8.45 -7.64
N PRO C 77 17.58 8.71 -7.63
CA PRO C 77 18.34 8.84 -6.39
C PRO C 77 17.92 10.07 -5.58
N VAL C 78 17.98 9.97 -4.25
CA VAL C 78 17.67 11.08 -3.36
C VAL C 78 18.85 11.34 -2.46
N VAL C 79 19.23 12.59 -2.29
CA VAL C 79 20.37 12.95 -1.44
C VAL C 79 19.98 14.02 -0.42
N GLU C 80 20.64 14.01 0.71
CA GLU C 80 20.44 15.03 1.74
C GLU C 80 21.10 16.31 1.25
N SER C 81 20.40 17.43 1.39
CA SER C 81 20.79 18.76 0.87
C SER C 81 22.19 19.31 1.14
N HIS C 82 22.75 19.07 2.32
CA HIS C 82 24.10 19.59 2.60
C HIS C 82 25.21 18.56 2.56
N THR C 83 24.96 17.41 3.17
CA THR C 83 25.97 16.36 3.24
C THR C 83 26.13 15.71 1.89
N GLY C 84 25.04 15.62 1.14
CA GLY C 84 25.07 14.98 -0.15
C GLY C 84 24.91 13.47 -0.02
N ARG C 85 24.69 13.00 1.21
CA ARG C 85 24.52 11.56 1.51
C ARG C 85 23.31 11.01 0.77
N THR C 86 23.51 9.88 0.07
CA THR C 86 22.40 9.22 -0.63
C THR C 86 21.51 8.57 0.38
N LEU C 87 20.22 8.85 0.27
CA LEU C 87 19.23 8.27 1.14
C LEU C 87 18.87 6.85 0.67
N ASP C 88 19.18 5.84 1.47
CA ASP C 88 18.82 4.47 1.14
C ASP C 88 17.33 4.32 1.47
N LEU C 89 16.62 3.68 0.57
CA LEU C 89 15.18 3.54 0.75
C LEU C 89 14.76 2.11 0.51
N ARG C 90 13.73 1.68 1.24
CA ARG C 90 13.15 0.35 1.03
C ARG C 90 11.68 0.37 1.35
N ILE C 91 10.87 -0.06 0.40
CA ILE C 91 9.44 -0.25 0.60
C ILE C 91 9.23 -1.51 1.43
N ILE C 92 8.32 -1.48 2.40
CA ILE C 92 8.02 -2.64 3.25
C ILE C 92 6.50 -2.91 3.18
N PRO C 93 6.08 -3.71 2.20
CA PRO C 93 4.65 -3.97 1.93
C PRO C 93 4.17 -5.33 2.34
N ARG C 94 2.86 -5.47 2.55
CA ARG C 94 2.28 -6.77 2.87
C ARG C 94 0.81 -6.74 2.54
N ILE C 95 0.30 -7.88 2.10
CA ILE C 95 -1.13 -8.10 1.90
C ILE C 95 -1.63 -8.87 3.13
N ASP C 96 -2.72 -8.41 3.74
CA ASP C 96 -3.25 -8.99 4.97
C ASP C 96 -4.66 -9.58 4.85
N ARG C 97 -5.24 -9.54 3.66
CA ARG C 97 -6.57 -10.10 3.45
C ARG C 97 -6.75 -10.22 1.96
N GLY C 98 -7.49 -11.22 1.51
CA GLY C 98 -7.94 -11.32 0.14
C GLY C 98 -7.29 -12.34 -0.77
N PHE C 99 -6.17 -12.91 -0.38
CA PHE C 99 -5.40 -13.82 -1.21
C PHE C 99 -5.00 -15.11 -0.51
N ASP C 100 -5.27 -16.24 -1.16
CA ASP C 100 -4.93 -17.55 -0.66
C ASP C 100 -3.89 -18.22 -1.54
N HIS C 101 -3.01 -18.96 -0.90
CA HIS C 101 -1.99 -19.72 -1.60
C HIS C 101 -2.62 -21.12 -1.78
N ILE C 102 -3.07 -21.40 -3.00
CA ILE C 102 -3.73 -22.66 -3.34
C ILE C 102 -2.93 -23.33 -4.45
N ASP C 103 -2.42 -24.52 -4.17
CA ASP C 103 -1.63 -25.28 -5.15
C ASP C 103 -0.69 -24.43 -5.98
N GLU C 104 0.26 -23.79 -5.29
CA GLU C 104 1.29 -22.96 -5.91
C GLU C 104 0.81 -21.69 -6.61
N GLU C 105 -0.46 -21.35 -6.49
CA GLU C 105 -0.96 -20.10 -7.09
C GLU C 105 -1.48 -19.22 -5.98
N TRP C 106 -1.43 -17.92 -6.21
CA TRP C 106 -2.02 -16.95 -5.29
C TRP C 106 -3.34 -16.52 -5.89
N VAL C 107 -4.42 -16.76 -5.17
CA VAL C 107 -5.78 -16.61 -5.67
C VAL C 107 -6.60 -15.61 -4.89
N GLY C 108 -7.21 -14.65 -5.59
CA GLY C 108 -8.14 -13.70 -5.02
C GLY C 108 -9.50 -13.88 -5.67
N TYR C 109 -10.49 -13.18 -5.13
CA TYR C 109 -11.88 -13.22 -5.60
C TYR C 109 -12.32 -11.81 -5.98
N LYS C 110 -12.82 -11.65 -7.18
CA LYS C 110 -13.24 -10.36 -7.69
C LYS C 110 -14.23 -9.66 -6.74
N ARG C 111 -15.15 -10.41 -6.16
CA ARG C 111 -16.21 -9.82 -5.33
C ARG C 111 -15.80 -9.48 -3.90
N ASN C 112 -14.58 -9.85 -3.51
CA ASN C 112 -14.19 -9.74 -2.10
C ASN C 112 -13.10 -8.70 -1.89
N TYR C 113 -13.00 -8.21 -0.65
CA TYR C 113 -12.01 -7.22 -0.29
C TYR C 113 -10.61 -7.82 -0.13
N PHE C 114 -9.63 -7.02 -0.52
CA PHE C 114 -8.24 -7.28 -0.11
C PHE C 114 -7.73 -6.06 0.66
N THR C 115 -6.68 -6.29 1.45
CA THR C 115 -5.99 -5.27 2.22
C THR C 115 -4.52 -5.32 1.86
N LEU C 116 -3.98 -4.15 1.51
CA LEU C 116 -2.58 -3.98 1.18
C LEU C 116 -2.06 -2.85 2.05
N VAL C 117 -1.03 -3.12 2.84
CA VAL C 117 -0.43 -2.12 3.69
C VAL C 117 1.04 -1.93 3.32
N SER C 118 1.60 -0.74 3.52
CA SER C 118 3.01 -0.55 3.28
C SER C 118 3.56 0.59 4.09
N THR C 119 4.82 0.44 4.45
CA THR C 119 5.62 1.53 4.97
C THR C 119 6.84 1.65 4.10
N PHE C 120 7.73 2.57 4.45
CA PHE C 120 9.08 2.55 3.86
C PHE C 120 10.07 2.83 4.95
N GLU C 121 11.31 2.43 4.72
CA GLU C 121 12.37 2.67 5.71
C GLU C 121 13.55 3.32 5.01
N THR C 122 14.30 4.06 5.82
CA THR C 122 15.52 4.73 5.40
C THR C 122 16.64 4.17 6.27
N ALA C 123 17.36 3.20 5.75
CA ALA C 123 18.39 2.50 6.53
C ALA C 123 19.44 3.38 7.18
N ASN C 124 19.85 4.42 6.49
CA ASN C 124 20.90 5.31 6.97
C ASN C 124 20.43 6.55 7.73
N CYS C 125 19.12 6.72 7.92
CA CYS C 125 18.57 7.91 8.58
C CYS C 125 17.53 7.55 9.65
N ASP C 126 17.73 8.01 10.88
CA ASP C 126 16.73 7.78 11.92
C ASP C 126 15.63 8.83 11.68
N LEU C 127 14.40 8.50 12.06
CA LEU C 127 13.25 9.36 11.77
C LEU C 127 13.39 10.79 12.26
N ASP C 128 13.82 10.95 13.50
CA ASP C 128 13.90 12.28 14.07
C ASP C 128 14.83 13.20 13.26
N THR C 129 15.98 12.69 12.82
CA THR C 129 16.92 13.43 12.00
C THR C 129 16.35 13.68 10.59
N PHE C 130 15.77 12.65 10.00
CA PHE C 130 15.16 12.71 8.68
C PHE C 130 14.15 13.87 8.59
N LEU C 131 13.28 14.02 9.59
CA LEU C 131 12.24 15.03 9.54
C LEU C 131 12.76 16.45 9.64
N LYS C 132 13.93 16.64 10.24
CA LYS C 132 14.56 17.96 10.35
C LYS C 132 15.41 18.34 9.15
N SER C 133 15.74 17.35 8.32
CA SER C 133 16.62 17.55 7.17
C SER C 133 15.85 17.97 5.93
N SER C 134 16.56 18.15 4.83
CA SER C 134 15.94 18.42 3.54
C SER C 134 16.64 17.57 2.52
N PHE C 135 15.89 17.21 1.49
CA PHE C 135 16.36 16.26 0.47
C PHE C 135 16.09 16.72 -0.95
N ASP C 136 16.99 16.35 -1.85
CA ASP C 136 16.90 16.66 -3.26
C ASP C 136 16.95 15.39 -4.08
N LEU C 137 16.33 15.47 -5.24
CA LEU C 137 16.40 14.42 -6.23
C LEU C 137 17.61 14.71 -7.08
N LEU C 138 18.37 13.69 -7.39
CA LEU C 138 19.51 13.81 -8.30
C LEU C 138 19.03 13.40 -9.68
N VAL C 139 18.74 14.36 -10.55
CA VAL C 139 18.27 14.02 -11.89
C VAL C 139 19.42 13.92 -12.88
N GLY C 146 21.99 17.93 -5.92
CA GLY C 146 20.88 18.78 -5.52
C GLY C 146 20.18 19.44 -6.70
N ARG C 147 19.16 18.78 -7.24
CA ARG C 147 18.43 19.32 -8.37
C ARG C 147 17.00 19.75 -8.02
N LEU C 148 16.10 18.79 -7.75
CA LEU C 148 14.72 19.12 -7.39
C LEU C 148 14.50 18.86 -5.91
N ARG C 149 13.92 19.81 -5.20
CA ARG C 149 13.69 19.66 -3.77
C ARG C 149 12.49 18.77 -3.52
N VAL C 150 12.68 17.76 -2.68
CA VAL C 150 11.58 16.90 -2.29
C VAL C 150 10.67 17.62 -1.30
N GLN C 151 9.37 17.70 -1.59
CA GLN C 151 8.41 18.25 -0.66
C GLN C 151 7.97 17.21 0.37
N TYR C 152 7.73 16.00 -0.11
CA TYR C 152 7.35 14.91 0.78
C TYR C 152 7.45 13.61 0.05
N PHE C 153 7.50 12.52 0.79
CA PHE C 153 7.47 11.18 0.26
C PHE C 153 6.06 10.62 0.34
N ALA C 154 5.75 9.71 -0.60
CA ALA C 154 4.43 9.16 -0.66
C ALA C 154 4.40 7.80 -1.36
N ILE C 155 3.35 7.04 -1.09
CA ILE C 155 3.12 5.74 -1.74
C ILE C 155 1.87 5.77 -2.59
N LYS C 156 1.91 5.05 -3.71
CA LYS C 156 0.70 4.75 -4.45
C LYS C 156 0.73 3.25 -4.79
N ILE C 157 -0.44 2.71 -5.03
CA ILE C 157 -0.57 1.33 -5.47
C ILE C 157 -1.25 1.27 -6.85
N LYS C 158 -0.93 0.21 -7.58
CA LYS C 158 -1.51 -0.03 -8.89
C LYS C 158 -1.70 -1.51 -9.08
N ALA C 159 -2.62 -1.85 -9.97
CA ALA C 159 -2.79 -3.22 -10.40
C ALA C 159 -2.46 -3.25 -11.90
N LYS C 160 -1.86 -4.37 -12.31
CA LYS C 160 -1.53 -4.57 -13.71
C LYS C 160 -1.78 -5.97 -14.16
N ASN C 161 -1.95 -6.13 -15.48
CA ASN C 161 -1.91 -7.44 -16.09
C ASN C 161 -0.42 -7.76 -16.15
N ASP C 162 -0.01 -8.83 -15.48
CA ASP C 162 1.40 -9.15 -15.35
C ASP C 162 2.03 -9.65 -16.65
N ASP C 163 1.21 -10.05 -17.61
CA ASP C 163 1.74 -10.56 -18.88
C ASP C 163 2.00 -9.45 -19.89
N ASP C 164 1.23 -8.36 -19.88
CA ASP C 164 1.47 -7.29 -20.85
C ASP C 164 1.63 -5.88 -20.27
N ASP C 165 1.64 -5.76 -18.96
CA ASP C 165 1.82 -4.46 -18.29
C ASP C 165 0.65 -3.47 -18.40
N THR C 166 -0.49 -3.89 -18.91
CA THR C 166 -1.67 -3.02 -18.98
C THR C 166 -2.16 -2.72 -17.55
N GLU C 167 -2.48 -1.47 -17.25
CA GLU C 167 -2.96 -1.12 -15.92
C GLU C 167 -4.42 -1.48 -15.80
N ILE C 168 -4.78 -1.94 -14.62
CA ILE C 168 -6.12 -2.36 -14.28
C ILE C 168 -6.62 -1.46 -13.15
N ASN C 169 -7.85 -0.99 -13.23
CA ASN C 169 -8.38 -0.11 -12.20
C ASN C 169 -8.69 -0.86 -10.89
N LEU C 170 -8.39 -0.17 -9.81
CA LEU C 170 -8.72 -0.63 -8.45
C LEU C 170 -9.78 0.30 -7.90
N VAL C 171 -10.61 -0.23 -7.01
CA VAL C 171 -11.62 0.57 -6.35
C VAL C 171 -11.55 0.26 -4.86
N GLN C 172 -12.02 1.20 -4.05
CA GLN C 172 -12.16 1.01 -2.61
C GLN C 172 -13.52 1.44 -2.16
N HIS C 173 -13.97 0.83 -1.09
CA HIS C 173 -15.22 1.25 -0.44
C HIS C 173 -14.89 1.62 0.99
N THR C 174 -15.85 2.29 1.61
CA THR C 174 -15.79 2.50 3.05
C THR C 174 -16.48 1.27 3.67
N ALA C 175 -16.44 1.18 4.99
CA ALA C 175 -17.11 0.08 5.69
C ALA C 175 -18.60 -0.03 5.33
N LYS C 176 -19.20 1.09 4.94
CA LYS C 176 -20.62 1.11 4.61
C LYS C 176 -20.88 0.48 3.25
N ARG C 177 -19.82 0.19 2.51
CA ARG C 177 -19.90 -0.46 1.21
C ARG C 177 -20.91 0.27 0.27
N ASP C 178 -21.97 -0.41 -0.15
CA ASP C 178 -22.94 0.21 -1.08
C ASP C 178 -23.67 1.41 -0.50
N LYS C 179 -23.64 1.59 0.81
CA LYS C 179 -24.32 2.70 1.46
C LYS C 179 -23.36 3.86 1.70
N GLY C 180 -22.18 3.79 1.07
CA GLY C 180 -21.20 4.85 1.18
C GLY C 180 -20.58 5.06 -0.19
N PRO C 181 -19.61 5.96 -0.30
CA PRO C 181 -18.98 6.21 -1.59
C PRO C 181 -17.96 5.16 -2.04
N GLN C 182 -17.71 5.13 -3.35
CA GLN C 182 -16.67 4.29 -3.96
C GLN C 182 -15.60 5.26 -4.40
N PHE C 183 -14.34 4.86 -4.29
CA PHE C 183 -13.24 5.74 -4.65
C PHE C 183 -12.02 4.96 -5.13
N CYS C 184 -11.11 5.63 -5.85
CA CYS C 184 -9.89 4.97 -6.33
C CYS C 184 -8.84 5.14 -5.24
N PRO C 185 -7.93 4.19 -5.09
CA PRO C 185 -6.84 4.37 -4.10
C PRO C 185 -6.12 5.65 -4.36
N SER C 186 -5.79 6.36 -3.31
CA SER C 186 -5.12 7.65 -3.48
C SER C 186 -3.65 7.56 -3.10
N VAL C 187 -2.90 8.58 -3.50
CA VAL C 187 -1.52 8.71 -3.13
C VAL C 187 -1.49 9.07 -1.63
N CYS C 188 -0.65 8.38 -0.89
CA CYS C 188 -0.59 8.54 0.56
C CYS C 188 0.75 9.13 1.02
N PRO C 189 0.79 10.39 1.46
CA PRO C 189 2.02 10.93 2.04
C PRO C 189 2.39 10.09 3.25
N LEU C 190 3.66 9.78 3.43
CA LEU C 190 4.10 8.95 4.52
C LEU C 190 5.49 9.31 4.98
N VAL C 191 5.72 9.07 6.27
CA VAL C 191 7.04 9.18 6.88
C VAL C 191 7.52 7.77 7.17
N PRO C 192 8.82 7.52 7.19
CA PRO C 192 9.32 6.17 7.38
C PRO C 192 8.98 5.58 8.74
N SER C 193 8.67 4.30 8.74
CA SER C 193 8.22 3.58 9.92
C SER C 193 8.31 2.08 9.69
N PRO C 194 8.50 1.29 10.76
CA PRO C 194 8.42 -0.17 10.62
C PRO C 194 6.97 -0.52 10.25
N LEU C 195 6.83 -1.61 9.54
CA LEU C 195 5.51 -2.11 9.18
C LEU C 195 4.86 -2.83 10.37
N PRO C 196 3.63 -2.45 10.75
CA PRO C 196 2.99 -3.15 11.87
C PRO C 196 2.79 -4.62 11.56
N LYS C 197 2.81 -5.43 12.62
CA LYS C 197 2.56 -6.84 12.50
C LYS C 197 1.15 -7.10 11.95
N HIS C 198 1.00 -8.27 11.36
CA HIS C 198 -0.29 -8.72 10.84
C HIS C 198 -1.41 -8.59 11.88
N GLN C 199 -1.13 -9.02 13.11
CA GLN C 199 -2.13 -8.92 14.17
C GLN C 199 -2.59 -7.48 14.42
N THR C 200 -1.67 -6.52 14.35
CA THR C 200 -2.06 -5.12 14.56
C THR C 200 -2.97 -4.60 13.47
N ILE C 201 -2.67 -4.96 12.22
CA ILE C 201 -3.53 -4.56 11.11
C ILE C 201 -4.91 -5.19 11.30
N ARG C 202 -4.96 -6.46 11.69
CA ARG C 202 -6.24 -7.12 11.96
C ARG C 202 -7.01 -6.36 13.02
N GLU C 203 -6.36 -6.08 14.15
CA GLU C 203 -7.04 -5.41 15.27
C GLU C 203 -7.56 -4.02 14.99
N ALA C 204 -6.89 -3.30 14.09
CA ALA C 204 -7.27 -1.93 13.79
C ALA C 204 -8.18 -1.82 12.58
N SER C 205 -8.63 -2.96 12.05
CA SER C 205 -9.43 -2.95 10.80
C SER C 205 -10.81 -2.35 10.88
N ASN C 206 -11.45 -2.39 12.03
CA ASN C 206 -12.79 -1.83 12.15
C ASN C 206 -13.01 -1.17 13.51
N VAL C 207 -12.07 -0.30 13.89
CA VAL C 207 -12.14 0.41 15.16
C VAL C 207 -12.96 1.70 15.06
N ARG C 208 -13.89 1.88 15.97
CA ARG C 208 -14.74 3.07 16.05
C ARG C 208 -14.60 3.72 17.42
N ASN C 209 -14.44 2.89 18.45
CA ASN C 209 -14.31 3.34 19.83
C ASN C 209 -13.12 4.30 20.03
N ILE C 210 -13.40 5.49 20.57
CA ILE C 210 -12.38 6.51 20.79
C ILE C 210 -11.19 6.06 21.62
N THR C 211 -11.43 5.32 22.69
CA THR C 211 -10.34 4.86 23.54
C THR C 211 -9.42 3.92 22.78
N LYS C 212 -10.02 3.04 21.99
CA LYS C 212 -9.27 2.08 21.19
C LYS C 212 -8.49 2.80 20.10
N MET C 213 -9.11 3.78 19.47
CA MET C 213 -8.43 4.53 18.42
C MET C 213 -7.20 5.25 18.98
N LYS C 214 -7.31 5.72 20.21
CA LYS C 214 -6.21 6.41 20.85
C LYS C 214 -5.05 5.44 21.03
N LYS C 215 -5.39 4.20 21.32
CA LYS C 215 -4.41 3.14 21.51
C LYS C 215 -3.54 2.92 20.26
N TYR C 216 -4.13 3.05 19.07
CA TYR C 216 -3.40 2.79 17.82
C TYR C 216 -2.88 4.04 17.14
N ASP C 217 -3.21 5.22 17.65
CA ASP C 217 -2.90 6.47 16.99
C ASP C 217 -1.43 6.62 16.66
N SER C 218 -0.57 6.31 17.62
CA SER C 218 0.87 6.53 17.46
C SER C 218 1.44 5.52 16.48
N THR C 219 0.75 4.41 16.26
CA THR C 219 1.22 3.43 15.29
C THR C 219 0.98 3.92 13.86
N PHE C 220 -0.13 4.60 13.63
CA PHE C 220 -0.54 4.99 12.29
C PHE C 220 -0.34 6.44 11.88
N TYR C 221 -0.14 7.33 12.83
CA TYR C 221 -0.05 8.76 12.48
C TYR C 221 1.02 9.49 13.24
N LEU C 222 1.50 10.53 12.59
CA LEU C 222 2.38 11.52 13.18
C LEU C 222 1.57 12.80 13.08
N HIS C 223 1.36 13.45 14.22
CA HIS C 223 0.60 14.71 14.27
C HIS C 223 1.57 15.87 14.33
N ARG C 224 1.83 16.49 13.19
CA ARG C 224 2.82 17.57 13.09
C ARG C 224 2.48 18.73 14.00
N ASP C 225 1.20 18.97 14.20
CA ASP C 225 0.76 20.08 15.02
C ASP C 225 1.10 19.90 16.50
N HIS C 226 1.58 18.72 16.88
CA HIS C 226 1.96 18.46 18.25
C HIS C 226 3.47 18.51 18.49
N VAL C 227 4.28 18.74 17.46
CA VAL C 227 5.72 18.84 17.67
C VAL C 227 6.10 20.25 18.16
N ASN C 228 7.30 20.39 18.68
CA ASN C 228 7.80 21.70 19.08
C ASN C 228 8.32 22.38 17.80
N TYR C 229 7.57 23.35 17.30
CA TYR C 229 7.92 24.02 16.05
C TYR C 229 9.29 24.69 16.13
N GLU C 230 9.71 25.11 17.31
CA GLU C 230 10.99 25.78 17.44
C GLU C 230 12.17 24.90 17.11
N GLU C 231 12.00 23.58 17.15
CA GLU C 231 13.08 22.67 16.84
C GLU C 231 13.32 22.49 15.34
N TYR C 232 12.48 23.09 14.49
CA TYR C 232 12.53 22.86 13.05
C TYR C 232 12.80 24.12 12.25
N GLY C 233 13.59 23.95 11.19
CA GLY C 233 13.82 25.02 10.24
C GLY C 233 12.65 25.10 9.26
N VAL C 234 12.45 26.29 8.68
CA VAL C 234 11.41 26.50 7.71
C VAL C 234 11.52 25.54 6.52
N ASP C 235 12.73 25.15 6.17
CA ASP C 235 12.94 24.28 5.01
C ASP C 235 12.91 22.79 5.36
N SER C 236 12.61 22.44 6.60
CA SER C 236 12.63 21.04 7.01
C SER C 236 11.60 20.21 6.28
N LEU C 237 11.94 18.95 6.03
CA LEU C 237 11.05 18.05 5.34
C LEU C 237 9.70 17.95 6.06
N LEU C 238 9.67 17.87 7.38
CA LEU C 238 8.38 17.72 8.07
C LEU C 238 7.41 18.81 7.68
N PHE C 239 7.91 20.04 7.54
CA PHE C 239 7.02 21.18 7.28
C PHE C 239 6.68 21.38 5.82
N SER C 240 7.12 20.50 4.91
CA SER C 240 6.68 20.58 3.52
C SER C 240 5.67 19.45 3.23
N TYR C 241 5.33 18.62 4.23
CA TYR C 241 4.23 17.66 4.09
C TYR C 241 2.95 18.49 3.92
N PRO C 242 1.95 17.97 3.19
CA PRO C 242 0.76 18.78 2.88
C PRO C 242 -0.25 18.98 3.99
N GLU C 243 -0.31 18.10 4.96
CA GLU C 243 -1.28 18.17 6.05
C GLU C 243 -0.61 17.88 7.38
N ASP C 244 -1.18 18.38 8.47
CA ASP C 244 -0.66 18.15 9.81
C ASP C 244 -0.69 16.67 10.20
N SER C 245 -1.74 15.97 9.82
CA SER C 245 -1.87 14.56 10.12
C SER C 245 -1.18 13.77 9.03
N ILE C 246 -0.08 13.14 9.39
CA ILE C 246 0.75 12.42 8.43
C ILE C 246 0.75 10.95 8.78
N GLN C 247 0.41 10.14 7.80
CA GLN C 247 0.42 8.71 8.01
C GLN C 247 1.84 8.12 8.12
N LYS C 248 1.97 7.13 8.99
CA LYS C 248 3.19 6.35 9.15
C LYS C 248 3.07 5.05 8.36
N VAL C 249 1.86 4.66 8.00
CA VAL C 249 1.57 3.43 7.28
C VAL C 249 0.53 3.75 6.22
N ALA C 250 0.76 3.32 5.00
CA ALA C 250 -0.24 3.42 3.93
C ALA C 250 -1.13 2.19 4.09
N ARG C 251 -2.38 2.36 4.42
CA ARG C 251 -3.30 1.24 4.64
C ARG C 251 -4.39 1.32 3.63
N TYR C 252 -4.41 0.38 2.69
CA TYR C 252 -5.43 0.32 1.67
C TYR C 252 -6.31 -0.89 2.01
N GLU C 253 -7.46 -0.61 2.59
CA GLU C 253 -8.40 -1.64 3.01
C GLU C 253 -9.65 -1.59 2.14
N ARG C 254 -10.37 -2.68 2.07
CA ARG C 254 -11.62 -2.74 1.30
C ARG C 254 -11.36 -2.45 -0.16
N VAL C 255 -10.25 -2.99 -0.66
CA VAL C 255 -9.86 -2.78 -2.06
C VAL C 255 -10.38 -3.93 -2.91
N GLN C 256 -10.78 -3.62 -4.15
CA GLN C 256 -11.17 -4.63 -5.14
C GLN C 256 -10.63 -4.25 -6.50
N PHE C 257 -10.47 -5.27 -7.35
CA PHE C 257 -10.24 -5.01 -8.76
C PHE C 257 -11.57 -4.47 -9.30
N ALA C 258 -11.49 -3.58 -10.29
CA ALA C 258 -12.68 -3.00 -10.93
C ALA C 258 -13.66 -4.09 -11.33
N SER C 259 -14.96 -3.84 -11.16
CA SER C 259 -15.99 -4.83 -11.42
C SER C 259 -16.04 -5.31 -12.88
N SER C 260 -15.46 -4.53 -13.78
CA SER C 260 -15.49 -4.88 -15.20
C SER C 260 -14.27 -5.65 -15.71
N ILE C 261 -13.36 -6.02 -14.81
CA ILE C 261 -12.17 -6.73 -15.25
C ILE C 261 -12.52 -8.13 -15.75
N SER C 262 -11.87 -8.51 -16.84
CA SER C 262 -12.04 -9.85 -17.39
C SER C 262 -10.95 -10.67 -16.73
N VAL C 263 -11.30 -11.78 -16.12
CA VAL C 263 -10.31 -12.58 -15.39
C VAL C 263 -9.76 -13.76 -16.15
N LYS C 264 -10.32 -14.06 -17.32
CA LYS C 264 -9.79 -15.14 -18.15
C LYS C 264 -9.37 -14.59 -19.49
N LYS C 265 -8.38 -15.23 -20.08
CA LYS C 265 -7.96 -14.92 -21.45
C LYS C 265 -8.90 -15.62 -22.43
N PRO C 266 -8.91 -15.22 -23.70
CA PRO C 266 -9.75 -15.92 -24.70
C PRO C 266 -9.53 -17.44 -24.77
N SER C 267 -8.32 -17.92 -24.47
CA SER C 267 -8.01 -19.34 -24.46
C SER C 267 -8.66 -20.06 -23.28
N GLN C 268 -9.27 -19.28 -22.38
CA GLN C 268 -9.90 -19.77 -21.15
C GLN C 268 -8.93 -19.92 -20.01
N GLN C 269 -7.64 -19.73 -20.31
CA GLN C 269 -6.63 -19.74 -19.28
C GLN C 269 -6.89 -18.55 -18.36
N ASN C 270 -6.39 -18.60 -17.14
CA ASN C 270 -6.54 -17.47 -16.25
C ASN C 270 -5.60 -16.34 -16.61
N LYS C 271 -6.10 -15.11 -16.53
CA LYS C 271 -5.20 -13.97 -16.64
C LYS C 271 -4.34 -13.89 -15.37
N HIS C 272 -3.15 -13.35 -15.52
CA HIS C 272 -2.27 -13.14 -14.39
C HIS C 272 -2.20 -11.66 -14.11
N PHE C 273 -2.46 -11.30 -12.87
CA PHE C 273 -2.40 -9.91 -12.41
C PHE C 273 -1.26 -9.75 -11.44
N SER C 274 -0.91 -8.50 -11.15
CA SER C 274 0.08 -8.21 -10.13
C SER C 274 -0.28 -6.88 -9.47
N LEU C 275 -0.04 -6.81 -8.16
CA LEU C 275 -0.20 -5.58 -7.38
C LEU C 275 1.16 -4.96 -7.19
N HIS C 276 1.22 -3.67 -7.46
CA HIS C 276 2.44 -2.87 -7.39
C HIS C 276 2.33 -1.80 -6.31
N VAL C 277 3.44 -1.57 -5.64
CA VAL C 277 3.57 -0.52 -4.64
C VAL C 277 4.73 0.38 -5.12
N ILE C 278 4.48 1.68 -5.26
CA ILE C 278 5.46 2.63 -5.73
C ILE C 278 5.68 3.72 -4.67
N LEU C 279 6.94 3.92 -4.32
CA LEU C 279 7.37 4.99 -3.43
C LEU C 279 7.85 6.12 -4.34
N GLY C 280 7.35 7.32 -4.08
CA GLY C 280 7.74 8.49 -4.83
C GLY C 280 8.05 9.68 -3.96
N ALA C 281 8.69 10.65 -4.59
CA ALA C 281 8.95 11.96 -4.00
C ALA C 281 8.10 12.95 -4.76
N VAL C 282 7.33 13.74 -4.03
CA VAL C 282 6.51 14.77 -4.63
C VAL C 282 7.31 16.06 -4.69
N VAL C 283 7.39 16.66 -5.88
CA VAL C 283 8.16 17.87 -6.12
C VAL C 283 7.31 18.88 -6.86
N ASP C 284 7.75 20.14 -6.79
CA ASP C 284 7.06 21.23 -7.47
C ASP C 284 7.32 21.17 -8.98
N PRO C 285 6.23 21.28 -9.75
CA PRO C 285 6.26 21.22 -11.21
C PRO C 285 7.21 22.24 -11.83
N ASP C 286 7.28 23.42 -11.21
CA ASP C 286 8.15 24.50 -11.69
C ASP C 286 9.59 24.02 -11.90
N GLY C 294 13.08 13.84 -17.70
CA GLY C 294 13.33 12.61 -18.44
C GLY C 294 13.43 11.38 -17.56
N ILE C 295 12.63 11.34 -16.50
CA ILE C 295 12.60 10.20 -15.58
C ILE C 295 11.13 9.89 -15.26
N PRO C 296 10.85 8.65 -14.85
CA PRO C 296 9.47 8.26 -14.57
C PRO C 296 8.79 9.04 -13.45
N TYR C 297 7.58 9.50 -13.73
CA TYR C 297 6.78 10.25 -12.81
C TYR C 297 5.34 10.29 -13.31
N ASP C 298 4.41 10.41 -12.41
CA ASP C 298 3.06 10.79 -12.59
C ASP C 298 2.80 12.21 -12.13
N GLU C 299 1.75 12.78 -12.68
CA GLU C 299 1.20 14.04 -12.25
C GLU C 299 0.29 13.85 -11.05
N LEU C 300 0.34 14.83 -10.14
CA LEU C 300 -0.45 14.76 -8.92
C LEU C 300 -1.25 16.06 -8.70
N ALA C 301 -2.56 15.94 -8.50
CA ALA C 301 -3.41 17.11 -8.25
C ALA C 301 -3.03 17.70 -6.89
N LEU C 302 -1.97 18.51 -6.88
CA LEU C 302 -1.39 19.13 -5.66
C LEU C 302 -2.34 19.84 -4.68
N LYS C 303 -1.72 20.40 -3.63
CA LYS C 303 -2.42 21.13 -2.58
C LYS C 303 -2.28 22.64 -2.77
N ASN C 304 -1.23 23.05 -3.49
CA ASN C 304 -1.03 24.47 -3.78
C ASN C 304 -2.01 24.82 -4.88
N GLY C 305 -2.74 23.80 -5.34
CA GLY C 305 -3.71 23.96 -6.39
C GLY C 305 -3.04 23.82 -7.75
N SER C 306 -1.73 23.58 -7.74
CA SER C 306 -0.96 23.43 -8.97
C SER C 306 -0.78 21.95 -9.34
N LYS C 307 -0.02 21.69 -10.41
CA LYS C 307 0.18 20.32 -10.91
C LYS C 307 1.48 19.64 -10.47
N GLY C 308 1.53 19.19 -9.21
CA GLY C 308 2.70 18.52 -8.67
C GLY C 308 3.21 17.35 -9.50
N MET C 309 4.35 16.80 -9.08
CA MET C 309 4.95 15.68 -9.78
C MET C 309 5.34 14.63 -8.76
N PHE C 310 4.82 13.43 -8.92
CA PHE C 310 5.15 12.27 -8.07
C PHE C 310 6.25 11.53 -8.81
N VAL C 311 7.50 11.77 -8.42
CA VAL C 311 8.66 11.21 -9.10
C VAL C 311 8.96 9.84 -8.52
N TYR C 312 9.04 8.82 -9.35
CA TYR C 312 9.26 7.47 -8.86
C TYR C 312 10.63 7.28 -8.22
N LEU C 313 10.66 6.61 -7.07
CA LEU C 313 11.90 6.26 -6.37
C LEU C 313 12.15 4.76 -6.35
N GLN C 314 11.11 3.96 -6.06
CA GLN C 314 11.27 2.51 -5.98
C GLN C 314 9.92 1.89 -6.23
N GLU C 315 9.89 0.68 -6.81
CA GLU C 315 8.65 -0.03 -7.06
C GLU C 315 8.84 -1.49 -6.72
N MET C 316 7.83 -2.09 -6.07
CA MET C 316 7.79 -3.52 -5.77
C MET C 316 6.50 -4.08 -6.35
N LYS C 317 6.47 -5.40 -6.56
CA LYS C 317 5.28 -6.05 -7.11
C LYS C 317 5.12 -7.43 -6.52
N THR C 318 3.92 -7.94 -6.64
CA THR C 318 3.66 -9.33 -6.25
C THR C 318 3.99 -10.27 -7.40
N PRO C 319 4.17 -11.54 -7.11
CA PRO C 319 4.21 -12.54 -8.18
C PRO C 319 2.83 -12.56 -8.83
N PRO C 320 2.66 -13.35 -9.91
CA PRO C 320 1.38 -13.43 -10.58
C PRO C 320 0.24 -13.88 -9.68
N LEU C 321 -0.90 -13.24 -9.86
CA LEU C 321 -2.11 -13.47 -9.11
C LEU C 321 -3.23 -13.93 -10.04
N ILE C 322 -4.02 -14.87 -9.57
CA ILE C 322 -5.23 -15.32 -10.25
C ILE C 322 -6.42 -14.68 -9.57
N ILE C 323 -7.38 -14.17 -10.32
CA ILE C 323 -8.59 -13.62 -9.75
C ILE C 323 -9.79 -14.42 -10.22
N ARG C 324 -10.57 -14.96 -9.29
CA ARG C 324 -11.75 -15.72 -9.64
C ARG C 324 -12.93 -14.80 -9.73
N GLY C 325 -13.67 -14.95 -10.83
CA GLY C 325 -14.82 -14.13 -11.10
C GLY C 325 -16.08 -14.61 -10.40
N ARG C 326 -17.19 -14.02 -10.84
CA ARG C 326 -18.50 -14.26 -10.25
C ARG C 326 -19.17 -15.57 -10.64
N SER C 327 -18.54 -16.36 -11.50
CA SER C 327 -19.12 -17.64 -11.93
C SER C 327 -19.51 -18.49 -10.72
N PRO C 328 -20.66 -19.16 -10.79
CA PRO C 328 -21.10 -20.00 -9.67
C PRO C 328 -20.14 -21.14 -9.35
N SER C 329 -19.38 -21.58 -10.35
CA SER C 329 -18.43 -22.66 -10.15
C SER C 329 -17.23 -22.22 -9.30
N ASN C 330 -17.16 -20.94 -8.95
CA ASN C 330 -16.08 -20.48 -8.08
C ASN C 330 -16.45 -20.53 -6.62
N TYR C 331 -17.65 -21.02 -6.33
CA TYR C 331 -18.13 -21.07 -4.96
C TYR C 331 -18.61 -22.45 -4.55
N ALA C 332 -18.31 -22.79 -3.31
CA ALA C 332 -18.69 -24.07 -2.71
C ALA C 332 -20.19 -24.30 -2.82
N SER C 333 -20.96 -23.22 -2.89
CA SER C 333 -22.41 -23.34 -2.99
C SER C 333 -22.82 -24.14 -4.21
N SER C 334 -21.96 -24.17 -5.22
CA SER C 334 -22.26 -24.91 -6.46
C SER C 334 -22.05 -26.41 -6.30
N GLN C 335 -21.52 -26.82 -5.15
CA GLN C 335 -21.27 -28.23 -4.90
C GLN C 335 -22.28 -28.80 -3.91
#